data_7ALV
#
_entry.id   7ALV
#
_cell.length_a   96.180
_cell.length_b   96.180
_cell.length_c   262.540
_cell.angle_alpha   90.000
_cell.angle_beta   90.000
_cell.angle_gamma   120.000
#
_symmetry.space_group_name_H-M   'P 61 2 2'
#
loop_
_entity.id
_entity.type
_entity.pdbx_description
1 polymer 'NACHT, LRR and PYD domains-containing protein 3'
2 non-polymer 1-[4-chloranyl-2,6-di(propan-2-yl)phenyl]-3-[4-(2-oxidanylpropan-2-yl)furan-2-yl]sulfonyl-urea
3 non-polymer "ADENOSINE-5'-DIPHOSPHATE"
4 water water
#
_entity_poly.entity_id   1
_entity_poly.type   'polypeptide(L)'
_entity_poly.pdbx_seq_one_letter_code
;GKMKKDYRKKYRKYVRSRFQCIEDRNARLGESVSLNKRYTRLRLIKEHRSQQEREQELLAIGKTKTCESPVSPIKMELLF
DPDDEHSEPVHTVVFQGAAGIGKTILARKMMLDWASGTLYQDRFDYLFYIHCREVSLVTQRSLGDLIMSCCPDPNPPIHK
IVRKPSRILFLMDGFDELQGAFDEHIGPLCTDWQKAERGDILLSSLIRKKLLPEASLLITTRPVALEKLQHLLDHPRHVE
ILGFSEAKRKEYFFKYFSDEAQARAAFSLIQENEVLFTMCFIPLVCWIVCTGLKQQMESGKSLAQTSKTTTAVYVFFLSS
LLQPRGGSQEHGLCAHLWGLCSLAADGIWNQKILFEESDLRNHGLQKADVSAFLRMNLFQKEVDCEKFYSFIHMTFQEFF
AAMYYLLEEEKEGRTNVPGSRLKLPSRDVTVLLENYGKFEKGYLIFVVRFLFGLVNQERTSYLEKKLSCKISQQIRLELL
KWIEVKAKAKKLQIQPSQLELFYCLYEMQEEDFVQRAMDYFPKIEINLSTRMDHMVSSFCIENCHRVESL
;
_entity_poly.pdbx_strand_id   A
#
# COMPACT_ATOMS: atom_id res chain seq x y z
N LYS A 5 -15.68 8.21 31.10
CA LYS A 5 -16.22 9.27 30.23
C LYS A 5 -15.66 10.67 30.54
N ASP A 6 -14.91 10.81 31.66
CA ASP A 6 -14.22 12.06 31.98
C ASP A 6 -13.04 12.16 30.98
N TYR A 7 -12.31 11.02 30.75
CA TYR A 7 -11.19 10.94 29.80
C TYR A 7 -11.65 10.62 28.41
N ARG A 8 -12.74 9.83 28.25
CA ARG A 8 -13.29 9.48 26.95
C ARG A 8 -13.58 10.71 26.10
N LYS A 9 -14.16 11.76 26.71
CA LYS A 9 -14.45 13.00 26.00
C LYS A 9 -13.18 13.69 25.53
N LYS A 10 -12.16 13.75 26.40
CA LYS A 10 -10.87 14.34 26.10
C LYS A 10 -10.21 13.58 24.97
N TYR A 11 -10.26 12.24 25.02
CA TYR A 11 -9.68 11.37 24.00
C TYR A 11 -10.37 11.52 22.66
N ARG A 12 -11.71 11.37 22.59
CA ARG A 12 -12.45 11.54 21.32
C ARG A 12 -12.19 12.92 20.72
N LYS A 13 -11.95 13.96 21.54
CA LYS A 13 -11.64 15.29 21.04
C LYS A 13 -10.32 15.26 20.26
N TYR A 14 -9.33 14.53 20.79
CA TYR A 14 -8.03 14.36 20.15
C TYR A 14 -8.21 13.64 18.83
N VAL A 15 -9.03 12.57 18.81
CA VAL A 15 -9.27 11.77 17.60
C VAL A 15 -10.01 12.59 16.53
N ARG A 16 -10.92 13.47 16.94
CA ARG A 16 -11.65 14.36 16.02
C ARG A 16 -10.70 15.38 15.33
N SER A 17 -9.54 15.68 15.96
CA SER A 17 -8.55 16.64 15.47
C SER A 17 -7.43 15.97 14.68
N ARG A 18 -6.94 14.82 15.15
CA ARG A 18 -5.85 14.10 14.49
C ARG A 18 -6.28 13.51 13.14
N PHE A 19 -7.47 12.91 13.10
CA PHE A 19 -8.00 12.27 11.88
C PHE A 19 -8.91 13.17 11.07
N GLN A 20 -8.76 14.50 11.22
CA GLN A 20 -9.53 15.53 10.56
C GLN A 20 -9.26 15.48 9.01
N CYS A 21 -7.99 15.28 8.64
CA CYS A 21 -7.54 15.22 7.23
C CYS A 21 -7.01 13.82 6.86
N ILE A 22 -6.77 13.60 5.54
CA ILE A 22 -6.21 12.37 4.98
C ILE A 22 -4.78 12.08 5.50
N GLU A 23 -4.05 13.13 5.94
CA GLU A 23 -2.71 13.03 6.51
C GLU A 23 -2.51 14.07 7.61
N LEU A 35 -9.01 18.39 3.91
CA LEU A 35 -9.81 17.72 4.94
C LEU A 35 -10.25 16.30 4.48
N ASN A 36 -11.13 15.63 5.26
CA ASN A 36 -11.66 14.31 4.88
C ASN A 36 -12.95 14.43 3.99
N LYS A 37 -13.25 15.64 3.46
CA LYS A 37 -14.36 15.91 2.55
C LYS A 37 -14.08 15.39 1.11
N ARG A 38 -12.89 14.80 0.88
CA ARG A 38 -12.54 14.13 -0.36
C ARG A 38 -12.88 12.63 -0.23
N TYR A 39 -13.18 12.10 1.00
CA TYR A 39 -13.53 10.69 1.21
C TYR A 39 -14.72 10.29 0.37
N THR A 40 -14.47 9.34 -0.53
CA THR A 40 -15.46 8.76 -1.42
C THR A 40 -15.68 7.32 -0.96
N ARG A 41 -16.95 6.90 -0.81
CA ARG A 41 -17.26 5.56 -0.31
C ARG A 41 -16.49 4.43 -1.04
N LEU A 42 -16.00 3.46 -0.27
CA LEU A 42 -15.28 2.34 -0.86
C LEU A 42 -16.21 1.11 -0.93
N ARG A 43 -15.97 0.20 -1.88
CA ARG A 43 -16.74 -1.03 -1.98
C ARG A 43 -16.08 -2.02 -1.02
N LEU A 44 -16.85 -2.60 -0.11
CA LEU A 44 -16.33 -3.56 0.87
C LEU A 44 -17.11 -4.86 0.75
N ILE A 45 -16.46 -6.04 0.67
CA ILE A 45 -17.22 -7.28 0.56
C ILE A 45 -16.85 -8.36 1.62
N LYS A 46 -17.86 -8.72 2.43
CA LYS A 46 -17.73 -9.77 3.44
C LYS A 46 -17.65 -11.16 2.77
N GLU A 47 -17.42 -12.23 3.57
CA GLU A 47 -17.27 -13.61 3.09
C GLU A 47 -16.08 -13.67 2.11
N HIS A 48 -14.95 -13.03 2.48
CA HIS A 48 -13.73 -12.96 1.67
C HIS A 48 -12.60 -13.81 2.25
N SER A 72 -21.86 -9.83 -1.30
CA SER A 72 -22.07 -9.58 0.14
C SER A 72 -21.47 -8.23 0.63
N PRO A 73 -22.04 -7.06 0.24
CA PRO A 73 -21.47 -5.79 0.73
C PRO A 73 -21.84 -5.45 2.17
N ILE A 74 -20.82 -5.30 3.02
CA ILE A 74 -21.04 -4.95 4.42
C ILE A 74 -21.10 -3.44 4.60
N LYS A 75 -21.84 -3.03 5.65
CA LYS A 75 -21.96 -1.66 6.12
C LYS A 75 -21.02 -1.60 7.36
N MET A 76 -20.20 -0.55 7.48
CA MET A 76 -19.27 -0.40 8.60
C MET A 76 -19.87 -0.63 9.99
N GLU A 77 -21.03 -0.03 10.30
CA GLU A 77 -21.62 -0.21 11.64
C GLU A 77 -21.85 -1.69 12.00
N LEU A 78 -22.09 -2.52 10.99
CA LEU A 78 -22.39 -3.94 11.19
C LEU A 78 -21.19 -4.88 11.12
N LEU A 79 -19.95 -4.37 11.12
CA LEU A 79 -18.76 -5.21 11.04
C LEU A 79 -18.61 -6.12 12.22
N PHE A 80 -18.90 -5.62 13.42
CA PHE A 80 -18.73 -6.41 14.63
C PHE A 80 -20.01 -7.10 15.13
N ASP A 81 -21.10 -6.97 14.38
CA ASP A 81 -22.38 -7.59 14.69
C ASP A 81 -22.30 -9.03 14.21
N PRO A 82 -22.48 -10.04 15.09
CA PRO A 82 -22.35 -11.43 14.66
C PRO A 82 -23.34 -11.91 13.60
N ASP A 83 -23.00 -13.01 12.92
CA ASP A 83 -23.84 -13.57 11.86
C ASP A 83 -25.08 -14.32 12.39
N GLU A 88 -18.91 -17.01 19.16
CA GLU A 88 -20.11 -16.31 18.66
C GLU A 88 -19.88 -14.81 18.35
N PRO A 89 -19.44 -13.94 19.31
CA PRO A 89 -19.25 -12.52 18.94
C PRO A 89 -18.03 -12.32 18.06
N VAL A 90 -18.10 -11.35 17.15
CA VAL A 90 -16.99 -11.08 16.24
C VAL A 90 -15.93 -10.20 16.86
N HIS A 91 -14.80 -10.81 17.26
CA HIS A 91 -13.72 -10.05 17.89
C HIS A 91 -12.64 -9.59 16.91
N THR A 92 -12.32 -10.37 15.85
CA THR A 92 -11.29 -9.95 14.89
C THR A 92 -11.89 -9.76 13.49
N VAL A 93 -11.57 -8.63 12.82
CA VAL A 93 -12.02 -8.33 11.46
C VAL A 93 -10.82 -7.98 10.61
N VAL A 94 -10.55 -8.77 9.56
CA VAL A 94 -9.42 -8.57 8.66
C VAL A 94 -9.93 -7.92 7.39
N PHE A 95 -9.27 -6.85 6.98
CA PHE A 95 -9.58 -6.13 5.76
C PHE A 95 -8.43 -6.37 4.83
N GLN A 96 -8.63 -7.13 3.74
CA GLN A 96 -7.59 -7.31 2.71
C GLN A 96 -7.81 -6.19 1.69
N GLY A 97 -6.74 -5.74 1.08
CA GLY A 97 -6.81 -4.65 0.12
C GLY A 97 -5.50 -4.37 -0.57
N ALA A 98 -5.51 -4.26 -1.91
CA ALA A 98 -4.28 -4.01 -2.67
C ALA A 98 -3.65 -2.67 -2.29
N ALA A 99 -2.34 -2.50 -2.53
CA ALA A 99 -1.67 -1.23 -2.21
C ALA A 99 -2.32 -0.07 -2.98
N GLY A 100 -2.68 0.98 -2.28
CA GLY A 100 -3.34 2.12 -2.88
C GLY A 100 -4.86 2.01 -2.95
N ILE A 101 -5.44 0.92 -2.41
CA ILE A 101 -6.89 0.75 -2.46
C ILE A 101 -7.62 1.63 -1.43
N GLY A 102 -6.94 2.08 -0.38
CA GLY A 102 -7.56 2.94 0.61
C GLY A 102 -7.69 2.39 2.03
N LYS A 103 -6.88 1.39 2.38
CA LYS A 103 -6.87 0.77 3.71
C LYS A 103 -6.70 1.83 4.83
N THR A 104 -5.64 2.62 4.73
CA THR A 104 -5.26 3.67 5.67
C THR A 104 -6.30 4.77 5.69
N ILE A 105 -6.88 5.15 4.53
CA ILE A 105 -7.91 6.19 4.49
C ILE A 105 -9.19 5.72 5.20
N LEU A 106 -9.63 4.49 4.90
CA LEU A 106 -10.81 3.91 5.54
C LEU A 106 -10.60 3.73 7.04
N ALA A 107 -9.35 3.44 7.48
CA ALA A 107 -9.04 3.32 8.92
C ALA A 107 -9.16 4.67 9.58
N ARG A 108 -8.71 5.74 8.93
CA ARG A 108 -8.81 7.09 9.46
C ARG A 108 -10.27 7.60 9.45
N LYS A 109 -11.06 7.26 8.40
CA LYS A 109 -12.49 7.60 8.31
C LYS A 109 -13.26 6.88 9.45
N MET A 110 -12.83 5.65 9.81
CA MET A 110 -13.40 4.89 10.89
C MET A 110 -13.12 5.63 12.19
N MET A 111 -11.87 6.09 12.40
CA MET A 111 -11.50 6.83 13.59
C MET A 111 -12.31 8.12 13.72
N LEU A 112 -12.36 8.92 12.64
CA LEU A 112 -13.08 10.20 12.62
C LEU A 112 -14.59 10.00 12.86
N ASP A 113 -15.20 9.02 12.18
CA ASP A 113 -16.61 8.75 12.36
C ASP A 113 -16.94 8.28 13.75
N TRP A 114 -16.12 7.38 14.33
CA TRP A 114 -16.33 6.92 15.71
C TRP A 114 -16.29 8.13 16.70
N ALA A 115 -15.22 8.95 16.58
CA ALA A 115 -15.01 10.12 17.42
C ALA A 115 -16.08 11.20 17.22
N SER A 116 -16.74 11.23 16.07
CA SER A 116 -17.84 12.13 15.86
C SER A 116 -19.15 11.62 16.51
N GLY A 117 -19.18 10.36 16.95
CA GLY A 117 -20.34 9.74 17.57
C GLY A 117 -21.28 9.06 16.59
N THR A 118 -20.80 8.84 15.37
CA THR A 118 -21.58 8.21 14.32
C THR A 118 -21.33 6.71 14.35
N LEU A 119 -20.05 6.29 14.38
CA LEU A 119 -19.66 4.90 14.29
C LEU A 119 -19.40 4.23 15.60
N TYR A 120 -20.01 3.03 15.79
CA TYR A 120 -19.92 2.20 16.99
C TYR A 120 -20.18 3.03 18.24
N GLN A 121 -21.23 3.90 18.19
CA GLN A 121 -21.56 4.77 19.32
C GLN A 121 -21.75 3.98 20.61
N ASP A 122 -22.54 2.90 20.55
CA ASP A 122 -22.78 2.10 21.73
C ASP A 122 -21.80 0.94 21.92
N ARG A 123 -21.00 0.59 20.90
CA ARG A 123 -20.07 -0.54 21.01
C ARG A 123 -18.70 -0.25 21.65
N PHE A 124 -17.99 0.83 21.26
CA PHE A 124 -16.65 1.07 21.83
C PHE A 124 -16.45 2.36 22.53
N ASP A 125 -15.77 2.28 23.67
CA ASP A 125 -15.38 3.42 24.49
C ASP A 125 -14.09 4.02 23.96
N TYR A 126 -13.19 3.19 23.40
CA TYR A 126 -11.91 3.63 22.89
C TYR A 126 -11.55 2.96 21.58
N LEU A 127 -11.04 3.75 20.65
CA LEU A 127 -10.54 3.22 19.39
C LEU A 127 -9.10 3.65 19.32
N PHE A 128 -8.15 2.68 19.26
CA PHE A 128 -6.74 3.05 19.19
C PHE A 128 -6.22 2.75 17.82
N TYR A 129 -5.68 3.75 17.11
CA TYR A 129 -5.16 3.53 15.78
C TYR A 129 -3.66 3.22 15.86
N ILE A 130 -3.31 1.99 15.49
CA ILE A 130 -1.94 1.52 15.49
C ILE A 130 -1.40 1.51 14.06
N HIS A 131 -0.51 2.46 13.75
CA HIS A 131 0.07 2.53 12.42
C HIS A 131 1.33 1.69 12.38
N CYS A 132 1.19 0.44 11.91
CA CYS A 132 2.21 -0.61 11.83
C CYS A 132 3.54 -0.15 11.27
N ARG A 133 3.52 0.81 10.34
CA ARG A 133 4.72 1.39 9.73
C ARG A 133 5.70 1.92 10.84
N GLU A 134 5.15 2.33 11.99
CA GLU A 134 5.87 2.92 13.13
C GLU A 134 6.17 1.95 14.30
N VAL A 135 5.50 0.80 14.35
CA VAL A 135 5.73 -0.15 15.43
C VAL A 135 6.96 -1.00 15.17
N SER A 136 7.95 -0.91 16.05
CA SER A 136 9.18 -1.67 15.90
C SER A 136 8.91 -3.09 16.29
N LEU A 137 9.27 -4.04 15.44
CA LEU A 137 9.11 -5.45 15.77
C LEU A 137 10.18 -5.93 16.78
N VAL A 138 11.28 -5.21 16.95
CA VAL A 138 12.34 -5.60 17.87
C VAL A 138 12.33 -4.81 19.21
N THR A 139 11.80 -3.57 19.18
CA THR A 139 11.77 -2.74 20.38
C THR A 139 10.83 -3.35 21.40
N GLN A 140 11.36 -3.55 22.63
CA GLN A 140 10.60 -4.11 23.74
C GLN A 140 9.69 -3.02 24.28
N ARG A 141 8.39 -3.31 24.31
CA ARG A 141 7.33 -2.40 24.75
C ARG A 141 6.18 -3.20 25.31
N SER A 142 5.33 -2.59 26.15
CA SER A 142 4.15 -3.28 26.65
C SER A 142 2.89 -2.81 25.92
N LEU A 143 1.77 -3.57 25.99
CA LEU A 143 0.50 -3.12 25.40
C LEU A 143 0.06 -1.76 25.99
N GLY A 144 0.45 -1.50 27.23
CA GLY A 144 0.23 -0.25 27.93
C GLY A 144 0.91 0.90 27.19
N ASP A 145 2.22 0.81 26.89
CA ASP A 145 2.96 1.85 26.16
C ASP A 145 2.39 2.06 24.76
N LEU A 146 1.94 0.98 24.12
CA LEU A 146 1.34 1.02 22.81
C LEU A 146 0.08 1.87 22.85
N ILE A 147 -0.74 1.70 23.89
CA ILE A 147 -1.97 2.46 24.04
C ILE A 147 -1.64 3.91 24.40
N MET A 148 -0.68 4.11 25.30
CA MET A 148 -0.24 5.43 25.74
C MET A 148 0.39 6.26 24.61
N SER A 149 0.87 5.60 23.53
CA SER A 149 1.39 6.33 22.38
C SER A 149 0.27 6.89 21.51
N CYS A 150 -0.93 6.29 21.57
CA CYS A 150 -2.11 6.77 20.86
C CYS A 150 -2.81 7.91 21.62
N CYS A 151 -2.20 8.45 22.69
CA CYS A 151 -2.85 9.46 23.50
C CYS A 151 -2.17 10.80 23.42
N PRO A 152 -2.97 11.89 23.49
CA PRO A 152 -2.39 13.24 23.50
C PRO A 152 -1.52 13.59 24.73
N ASP A 153 -1.99 13.25 25.94
CA ASP A 153 -1.30 13.60 27.17
C ASP A 153 -0.18 12.61 27.55
N PRO A 154 0.83 13.09 28.30
CA PRO A 154 1.93 12.19 28.70
C PRO A 154 1.55 11.19 29.78
N ASN A 155 0.53 11.50 30.61
CA ASN A 155 0.11 10.59 31.67
C ASN A 155 -1.36 10.26 31.54
N PRO A 156 -1.72 9.36 30.63
CA PRO A 156 -3.13 8.99 30.50
C PRO A 156 -3.56 7.98 31.56
N PRO A 157 -4.87 7.87 31.83
CA PRO A 157 -5.33 6.88 32.83
C PRO A 157 -5.40 5.51 32.16
N ILE A 158 -4.24 4.88 31.97
CA ILE A 158 -4.15 3.60 31.31
C ILE A 158 -4.87 2.51 32.11
N HIS A 159 -4.76 2.54 33.45
CA HIS A 159 -5.46 1.54 34.26
C HIS A 159 -6.99 1.67 34.17
N LYS A 160 -7.52 2.85 33.78
CA LYS A 160 -8.95 3.11 33.60
C LYS A 160 -9.40 2.69 32.20
N ILE A 161 -8.55 2.92 31.20
CA ILE A 161 -8.78 2.60 29.79
C ILE A 161 -8.89 1.09 29.60
N VAL A 162 -7.96 0.34 30.24
CA VAL A 162 -7.86 -1.12 30.25
C VAL A 162 -8.94 -1.80 31.10
N ARG A 163 -9.63 -1.02 31.96
CA ARG A 163 -10.71 -1.47 32.82
C ARG A 163 -11.75 -2.32 32.07
N LYS A 164 -12.31 -1.83 30.94
CA LYS A 164 -13.27 -2.62 30.16
C LYS A 164 -12.72 -2.96 28.77
N PRO A 165 -12.03 -4.10 28.66
CA PRO A 165 -11.38 -4.47 27.39
C PRO A 165 -12.32 -4.75 26.22
N SER A 166 -13.53 -5.25 26.48
CA SER A 166 -14.50 -5.48 25.42
C SER A 166 -14.90 -4.14 24.77
N ARG A 167 -14.76 -3.01 25.49
CA ARG A 167 -15.07 -1.69 24.95
C ARG A 167 -13.89 -1.05 24.18
N ILE A 168 -12.82 -1.81 23.90
CA ILE A 168 -11.67 -1.29 23.16
C ILE A 168 -11.61 -1.91 21.79
N LEU A 169 -11.34 -1.11 20.76
CA LEU A 169 -11.15 -1.60 19.41
C LEU A 169 -9.78 -1.09 18.98
N PHE A 170 -8.89 -2.01 18.62
CA PHE A 170 -7.55 -1.70 18.14
C PHE A 170 -7.60 -1.72 16.61
N LEU A 171 -7.21 -0.61 15.94
CA LEU A 171 -7.14 -0.53 14.48
C LEU A 171 -5.70 -0.66 14.06
N MET A 172 -5.28 -1.89 13.79
CA MET A 172 -3.94 -2.19 13.33
C MET A 172 -3.93 -1.94 11.83
N ASP A 173 -3.30 -0.85 11.42
CA ASP A 173 -3.28 -0.46 10.04
C ASP A 173 -1.98 -0.80 9.30
N GLY A 174 -2.14 -1.63 8.28
CA GLY A 174 -1.02 -2.03 7.44
C GLY A 174 -0.12 -3.05 8.07
N PHE A 175 -0.62 -4.28 8.18
CA PHE A 175 0.13 -5.39 8.74
C PHE A 175 1.35 -5.68 7.85
N ASP A 176 1.15 -5.64 6.53
CA ASP A 176 2.17 -5.83 5.50
C ASP A 176 3.34 -4.83 5.65
N GLU A 177 3.11 -3.68 6.31
CA GLU A 177 4.09 -2.63 6.54
C GLU A 177 4.94 -2.81 7.77
N LEU A 178 4.88 -3.97 8.44
CA LEU A 178 5.68 -4.20 9.63
C LEU A 178 7.10 -4.47 9.15
N GLN A 179 8.06 -3.60 9.50
CA GLN A 179 9.45 -3.75 9.06
C GLN A 179 10.19 -4.90 9.75
N GLY A 180 10.70 -5.82 8.92
CA GLY A 180 11.41 -7.01 9.39
C GLY A 180 10.58 -8.26 9.17
N ALA A 181 11.01 -9.38 9.75
CA ALA A 181 10.29 -10.63 9.63
C ALA A 181 9.17 -10.73 10.68
N PHE A 182 8.19 -11.58 10.44
CA PHE A 182 7.07 -11.79 11.36
C PHE A 182 6.54 -13.19 11.08
N ASP A 183 6.98 -14.19 11.85
CA ASP A 183 6.56 -15.56 11.64
C ASP A 183 5.76 -16.19 12.79
N GLU A 184 5.13 -17.35 12.55
CA GLU A 184 4.30 -18.03 13.54
C GLU A 184 5.09 -18.52 14.74
N HIS A 185 6.36 -18.90 14.53
CA HIS A 185 7.22 -19.45 15.58
C HIS A 185 7.50 -18.52 16.76
N ILE A 186 7.26 -17.20 16.62
CA ILE A 186 7.45 -16.13 17.62
C ILE A 186 6.81 -16.58 18.95
N GLY A 187 7.55 -16.48 20.05
CA GLY A 187 7.03 -16.88 21.35
C GLY A 187 7.99 -16.66 22.51
N PRO A 188 7.58 -16.92 23.77
CA PRO A 188 6.24 -17.34 24.22
C PRO A 188 5.26 -16.19 24.19
N LEU A 189 3.98 -16.51 23.96
CA LEU A 189 2.91 -15.51 23.89
C LEU A 189 2.66 -14.85 25.25
N CYS A 190 2.40 -13.53 25.22
CA CYS A 190 2.21 -12.62 26.35
C CYS A 190 0.75 -12.48 26.78
N THR A 191 0.48 -12.47 28.10
CA THR A 191 -0.87 -12.29 28.66
C THR A 191 -0.98 -11.10 29.66
N ASP A 192 0.10 -10.33 29.83
CA ASP A 192 0.14 -9.20 30.73
C ASP A 192 0.22 -7.92 29.91
N TRP A 193 -0.81 -7.05 29.94
CA TRP A 193 -0.74 -5.79 29.16
C TRP A 193 0.36 -4.84 29.64
N GLN A 194 0.87 -5.03 30.85
CA GLN A 194 1.94 -4.21 31.38
C GLN A 194 3.33 -4.84 31.16
N LYS A 195 3.43 -6.01 30.49
CA LYS A 195 4.71 -6.69 30.34
C LYS A 195 5.39 -6.20 29.13
N ALA A 196 6.62 -5.78 29.26
CA ALA A 196 7.37 -5.33 28.10
C ALA A 196 7.91 -6.51 27.33
N GLU A 197 7.39 -6.72 26.16
CA GLU A 197 7.87 -7.77 25.26
C GLU A 197 8.24 -7.10 23.96
N ARG A 198 9.05 -7.76 23.11
CA ARG A 198 9.40 -7.20 21.80
C ARG A 198 8.15 -7.05 20.94
N GLY A 199 8.17 -6.08 20.04
CA GLY A 199 7.06 -5.79 19.12
C GLY A 199 6.40 -6.98 18.44
N ASP A 200 7.18 -7.99 17.94
CA ASP A 200 6.65 -9.21 17.35
C ASP A 200 5.83 -10.04 18.37
N ILE A 201 6.33 -10.26 19.62
CA ILE A 201 5.59 -11.00 20.62
C ILE A 201 4.35 -10.22 21.06
N LEU A 202 4.49 -8.89 21.16
CA LEU A 202 3.42 -7.98 21.54
C LEU A 202 2.28 -8.06 20.53
N LEU A 203 2.55 -7.82 19.25
CA LEU A 203 1.54 -7.87 18.20
C LEU A 203 1.04 -9.28 17.93
N SER A 204 1.91 -10.30 18.08
CA SER A 204 1.50 -11.69 17.90
C SER A 204 0.49 -12.09 19.00
N SER A 205 0.75 -11.67 20.23
CA SER A 205 -0.11 -11.95 21.35
C SER A 205 -1.40 -11.18 21.23
N LEU A 206 -1.37 -9.96 20.70
CA LEU A 206 -2.59 -9.19 20.52
C LEU A 206 -3.41 -9.76 19.38
N ILE A 207 -2.78 -10.17 18.29
CA ILE A 207 -3.48 -10.73 17.16
C ILE A 207 -4.13 -12.09 17.53
N ARG A 208 -3.37 -13.01 18.18
CA ARG A 208 -3.89 -14.31 18.66
C ARG A 208 -4.92 -14.17 19.82
N LYS A 209 -5.22 -12.94 20.21
CA LYS A 209 -6.16 -12.62 21.25
C LYS A 209 -5.78 -13.24 22.62
N LYS A 210 -4.48 -13.21 22.94
CA LYS A 210 -3.93 -13.66 24.24
C LYS A 210 -3.87 -12.50 25.21
N LEU A 211 -3.52 -11.32 24.69
CA LEU A 211 -3.43 -10.05 25.38
C LEU A 211 -4.78 -9.37 25.14
N LEU A 212 -5.54 -9.08 26.23
CA LEU A 212 -6.90 -8.49 26.18
C LEU A 212 -7.77 -9.31 25.21
N PRO A 213 -8.14 -10.54 25.62
CA PRO A 213 -8.79 -11.46 24.68
C PRO A 213 -10.14 -11.04 24.14
N GLU A 214 -10.89 -10.21 24.88
CA GLU A 214 -12.17 -9.76 24.41
C GLU A 214 -12.15 -8.35 23.79
N ALA A 215 -10.94 -7.78 23.57
CA ALA A 215 -10.80 -6.52 22.88
C ALA A 215 -11.02 -6.79 21.36
N SER A 216 -11.67 -5.86 20.65
CA SER A 216 -11.90 -6.01 19.22
C SER A 216 -10.69 -5.57 18.42
N LEU A 217 -10.43 -6.28 17.33
CA LEU A 217 -9.27 -6.03 16.47
C LEU A 217 -9.69 -5.83 15.03
N LEU A 218 -9.09 -4.84 14.36
CA LEU A 218 -9.35 -4.54 12.95
C LEU A 218 -7.96 -4.47 12.29
N ILE A 219 -7.59 -5.50 11.54
CA ILE A 219 -6.29 -5.52 10.88
C ILE A 219 -6.50 -5.27 9.41
N THR A 220 -5.76 -4.34 8.81
CA THR A 220 -5.86 -4.11 7.37
C THR A 220 -4.55 -4.59 6.79
N THR A 221 -4.59 -5.27 5.64
CA THR A 221 -3.38 -5.79 5.02
C THR A 221 -3.47 -5.89 3.49
N ARG A 222 -2.30 -5.94 2.82
CA ARG A 222 -2.18 -6.19 1.39
C ARG A 222 -2.37 -7.69 1.25
N PRO A 223 -3.04 -8.15 0.16
CA PRO A 223 -3.31 -9.59 -0.01
C PRO A 223 -2.11 -10.49 0.16
N VAL A 224 -0.94 -10.01 -0.24
CA VAL A 224 0.33 -10.72 -0.18
C VAL A 224 0.67 -11.19 1.22
N ALA A 225 0.57 -10.28 2.21
CA ALA A 225 0.90 -10.56 3.61
C ALA A 225 -0.10 -11.48 4.34
N LEU A 226 -1.28 -11.70 3.76
CA LEU A 226 -2.32 -12.54 4.36
C LEU A 226 -1.85 -13.91 4.77
N GLU A 227 -0.81 -14.42 4.09
CA GLU A 227 -0.25 -15.72 4.42
C GLU A 227 0.32 -15.72 5.83
N LYS A 228 1.06 -14.66 6.22
CA LYS A 228 1.66 -14.63 7.54
C LYS A 228 0.59 -14.55 8.61
N LEU A 229 -0.37 -13.66 8.40
CA LEU A 229 -1.43 -13.35 9.35
C LEU A 229 -2.44 -14.45 9.58
N GLN A 230 -2.82 -15.20 8.53
CA GLN A 230 -3.87 -16.23 8.60
C GLN A 230 -3.70 -17.22 9.72
N HIS A 231 -2.46 -17.55 10.03
CA HIS A 231 -2.20 -18.57 11.04
C HIS A 231 -2.21 -18.04 12.49
N LEU A 232 -2.31 -16.71 12.69
CA LEU A 232 -2.44 -16.19 14.05
C LEU A 232 -3.92 -16.00 14.40
N LEU A 233 -4.75 -15.63 13.40
CA LEU A 233 -6.18 -15.27 13.48
C LEU A 233 -7.10 -16.29 14.11
N ASP A 234 -7.89 -15.80 15.09
CA ASP A 234 -8.89 -16.56 15.84
C ASP A 234 -10.29 -16.19 15.35
N HIS A 235 -10.89 -17.07 14.51
CA HIS A 235 -12.24 -16.87 13.94
C HIS A 235 -12.42 -15.47 13.37
N PRO A 236 -11.62 -15.09 12.37
CA PRO A 236 -11.72 -13.74 11.84
C PRO A 236 -12.89 -13.58 10.89
N ARG A 237 -13.33 -12.33 10.75
CA ARG A 237 -14.35 -12.00 9.78
C ARG A 237 -13.56 -11.32 8.68
N HIS A 238 -13.49 -11.92 7.46
CA HIS A 238 -12.73 -11.30 6.39
C HIS A 238 -13.60 -10.44 5.55
N VAL A 239 -13.05 -9.29 5.17
CA VAL A 239 -13.69 -8.31 4.31
C VAL A 239 -12.65 -7.87 3.25
N GLU A 240 -13.08 -7.68 2.02
CA GLU A 240 -12.19 -7.30 0.94
C GLU A 240 -12.47 -5.89 0.46
N ILE A 241 -11.47 -5.00 0.52
CA ILE A 241 -11.62 -3.65 0.04
C ILE A 241 -11.47 -3.68 -1.46
N LEU A 242 -12.54 -3.35 -2.16
CA LEU A 242 -12.57 -3.41 -3.62
C LEU A 242 -12.36 -2.08 -4.33
N GLY A 243 -12.25 -0.98 -3.59
CA GLY A 243 -12.04 0.33 -4.19
C GLY A 243 -13.28 0.92 -4.82
N PHE A 244 -13.09 1.87 -5.73
CA PHE A 244 -14.16 2.61 -6.35
C PHE A 244 -14.93 1.88 -7.40
N SER A 245 -16.25 2.08 -7.41
CA SER A 245 -17.14 1.60 -8.46
C SER A 245 -17.00 2.57 -9.65
N GLU A 246 -17.60 2.27 -10.83
CA GLU A 246 -17.52 3.21 -11.97
C GLU A 246 -18.17 4.55 -11.61
N ALA A 247 -19.22 4.51 -10.78
CA ALA A 247 -19.94 5.68 -10.32
C ALA A 247 -19.12 6.47 -9.28
N LYS A 248 -18.53 5.79 -8.26
CA LYS A 248 -17.72 6.47 -7.27
C LYS A 248 -16.30 6.84 -7.77
N ARG A 249 -15.91 6.35 -8.95
CA ARG A 249 -14.70 6.74 -9.66
C ARG A 249 -14.99 8.17 -10.18
N LYS A 250 -16.19 8.39 -10.77
CA LYS A 250 -16.66 9.69 -11.26
C LYS A 250 -16.84 10.66 -10.11
N GLU A 251 -17.32 10.18 -8.95
CA GLU A 251 -17.51 11.02 -7.78
C GLU A 251 -16.17 11.57 -7.32
N TYR A 252 -15.11 10.72 -7.33
CA TYR A 252 -13.77 11.16 -6.93
C TYR A 252 -13.29 12.29 -7.82
N PHE A 253 -13.41 12.14 -9.13
CA PHE A 253 -13.03 13.17 -10.09
C PHE A 253 -13.79 14.50 -9.88
N PHE A 254 -15.06 14.45 -9.47
CA PHE A 254 -15.83 15.67 -9.26
C PHE A 254 -15.54 16.31 -7.89
N LYS A 255 -15.11 15.51 -6.91
CA LYS A 255 -14.70 16.01 -5.60
C LYS A 255 -13.35 16.70 -5.77
N TYR A 256 -12.40 16.06 -6.50
CA TYR A 256 -11.06 16.57 -6.78
C TYR A 256 -11.09 17.90 -7.56
N PHE A 257 -11.64 17.89 -8.77
CA PHE A 257 -11.70 19.11 -9.58
C PHE A 257 -12.91 19.92 -9.14
N SER A 258 -12.68 20.90 -8.29
CA SER A 258 -13.76 21.72 -7.76
C SER A 258 -14.54 22.48 -8.85
N ASP A 259 -14.03 22.53 -10.08
CA ASP A 259 -14.77 23.11 -11.20
C ASP A 259 -15.40 21.90 -11.91
N GLU A 260 -16.74 21.87 -12.04
CA GLU A 260 -17.46 20.77 -12.68
C GLU A 260 -16.98 20.60 -14.13
N ALA A 261 -16.74 21.72 -14.84
CA ALA A 261 -16.25 21.77 -16.24
C ALA A 261 -14.85 21.18 -16.40
N GLN A 262 -14.02 21.25 -15.34
CA GLN A 262 -12.70 20.65 -15.37
C GLN A 262 -12.83 19.18 -15.12
N ALA A 263 -13.62 18.81 -14.08
CA ALA A 263 -13.87 17.45 -13.59
C ALA A 263 -14.50 16.56 -14.64
N ARG A 264 -15.40 17.13 -15.44
CA ARG A 264 -16.09 16.41 -16.49
C ARG A 264 -15.12 16.10 -17.61
N ALA A 265 -14.30 17.09 -17.99
CA ALA A 265 -13.28 16.93 -19.03
C ALA A 265 -12.13 16.02 -18.58
N ALA A 266 -11.83 16.01 -17.28
CA ALA A 266 -10.80 15.16 -16.72
C ALA A 266 -11.30 13.72 -16.63
N PHE A 267 -12.59 13.53 -16.30
CA PHE A 267 -13.15 12.18 -16.26
C PHE A 267 -13.39 11.65 -17.67
N SER A 268 -13.61 12.53 -18.66
CA SER A 268 -13.79 12.11 -20.05
C SER A 268 -12.54 11.40 -20.56
N LEU A 269 -11.33 11.86 -20.16
CA LEU A 269 -10.10 11.19 -20.58
C LEU A 269 -10.02 9.80 -20.05
N ILE A 270 -10.53 9.57 -18.84
CA ILE A 270 -10.49 8.25 -18.22
C ILE A 270 -11.47 7.30 -18.92
N GLN A 271 -12.63 7.81 -19.36
CA GLN A 271 -13.62 7.01 -20.05
C GLN A 271 -13.18 6.61 -21.45
N GLU A 272 -12.48 7.50 -22.14
CA GLU A 272 -11.95 7.24 -23.48
C GLU A 272 -10.80 6.21 -23.45
N ASN A 273 -10.09 6.11 -22.32
CA ASN A 273 -9.00 5.19 -22.15
C ASN A 273 -9.51 4.02 -21.31
N GLU A 274 -9.57 2.81 -21.88
CA GLU A 274 -10.03 1.61 -21.19
C GLU A 274 -9.08 1.26 -20.05
N VAL A 275 -7.77 1.37 -20.30
CA VAL A 275 -6.77 1.05 -19.30
C VAL A 275 -6.86 1.96 -18.10
N LEU A 276 -6.97 3.27 -18.32
CA LEU A 276 -7.08 4.23 -17.20
C LEU A 276 -8.39 4.10 -16.48
N PHE A 277 -9.47 3.87 -17.22
CA PHE A 277 -10.80 3.65 -16.64
C PHE A 277 -10.77 2.43 -15.70
N THR A 278 -10.19 1.30 -16.18
CA THR A 278 -10.06 0.05 -15.42
C THR A 278 -9.16 0.25 -14.19
N MET A 279 -7.95 0.79 -14.41
CA MET A 279 -6.94 1.05 -13.39
C MET A 279 -7.46 2.00 -12.29
N CYS A 280 -8.52 2.78 -12.57
CA CYS A 280 -9.03 3.75 -11.64
C CYS A 280 -9.99 3.22 -10.60
N PHE A 281 -10.16 1.90 -10.47
CA PHE A 281 -10.93 1.38 -9.33
C PHE A 281 -10.05 1.61 -8.05
N ILE A 282 -8.69 1.69 -8.21
CA ILE A 282 -7.70 1.96 -7.18
C ILE A 282 -7.70 3.46 -6.89
N PRO A 283 -8.17 3.87 -5.70
CA PRO A 283 -8.22 5.31 -5.38
C PRO A 283 -6.88 6.03 -5.49
N LEU A 284 -5.74 5.35 -5.21
CA LEU A 284 -4.44 5.99 -5.38
C LEU A 284 -4.24 6.35 -6.86
N VAL A 285 -4.57 5.43 -7.79
CA VAL A 285 -4.52 5.66 -9.23
C VAL A 285 -5.38 6.88 -9.58
N CYS A 286 -6.59 7.00 -9.00
CA CYS A 286 -7.44 8.16 -9.24
C CYS A 286 -6.74 9.44 -8.81
N TRP A 287 -6.08 9.41 -7.64
CA TRP A 287 -5.36 10.58 -7.13
C TRP A 287 -4.16 10.95 -8.02
N ILE A 288 -3.41 9.93 -8.47
CA ILE A 288 -2.24 10.10 -9.32
C ILE A 288 -2.66 10.74 -10.64
N VAL A 289 -3.65 10.12 -11.33
CA VAL A 289 -4.17 10.61 -12.61
C VAL A 289 -4.66 12.05 -12.51
N CYS A 290 -5.55 12.32 -11.56
CA CYS A 290 -6.09 13.63 -11.28
C CYS A 290 -4.99 14.68 -11.06
N THR A 291 -3.99 14.38 -10.22
CA THR A 291 -2.90 15.31 -9.93
C THR A 291 -2.06 15.69 -11.16
N GLY A 292 -1.81 14.70 -12.02
CA GLY A 292 -1.08 14.90 -13.25
C GLY A 292 -1.91 15.75 -14.20
N LEU A 293 -3.23 15.45 -14.31
CA LEU A 293 -4.14 16.20 -15.20
C LEU A 293 -4.39 17.66 -14.73
N LYS A 294 -3.93 18.01 -13.53
CA LYS A 294 -4.05 19.35 -12.99
C LYS A 294 -2.95 20.25 -13.56
N GLN A 295 -1.71 19.73 -13.61
CA GLN A 295 -0.54 20.43 -14.19
C GLN A 295 -0.81 20.66 -15.68
N GLN A 296 -1.27 19.61 -16.37
CA GLN A 296 -1.61 19.66 -17.79
C GLN A 296 -2.77 20.66 -18.05
N MET A 297 -3.67 20.80 -17.05
CA MET A 297 -4.81 21.71 -17.05
C MET A 297 -4.35 23.18 -17.09
N GLU A 298 -3.28 23.50 -16.33
CA GLU A 298 -2.70 24.85 -16.28
C GLU A 298 -2.24 25.36 -17.66
N SER A 299 -1.61 24.48 -18.42
CA SER A 299 -1.19 24.78 -19.78
C SER A 299 -2.37 24.76 -20.78
N GLY A 300 -2.23 25.54 -21.86
CA GLY A 300 -3.19 25.64 -22.96
C GLY A 300 -3.23 24.41 -23.88
N LYS A 301 -2.31 23.46 -23.65
CA LYS A 301 -2.22 22.18 -24.33
C LYS A 301 -3.45 21.31 -23.97
N SER A 302 -4.10 20.75 -25.01
CA SER A 302 -5.27 19.86 -24.88
C SER A 302 -4.92 18.68 -23.94
N LEU A 303 -5.83 18.38 -23.01
CA LEU A 303 -5.67 17.27 -22.08
C LEU A 303 -5.65 15.94 -22.84
N ALA A 304 -4.73 15.04 -22.43
CA ALA A 304 -4.52 13.71 -23.00
C ALA A 304 -3.54 12.91 -22.18
N GLN A 305 -3.93 11.69 -21.85
CA GLN A 305 -3.04 10.77 -21.18
C GLN A 305 -3.15 9.46 -21.92
N THR A 306 -2.09 9.10 -22.64
CA THR A 306 -2.12 7.89 -23.47
C THR A 306 -1.64 6.65 -22.68
N SER A 307 -1.48 6.74 -21.34
CA SER A 307 -0.97 5.66 -20.49
C SER A 307 -1.68 4.31 -20.63
N LYS A 308 -0.88 3.26 -20.80
CA LYS A 308 -1.34 1.89 -20.96
C LYS A 308 -0.86 1.00 -19.83
N THR A 309 0.15 1.38 -19.03
CA THR A 309 0.68 0.53 -17.96
C THR A 309 0.82 1.31 -16.65
N THR A 310 0.87 0.61 -15.48
CA THR A 310 1.07 1.26 -14.18
C THR A 310 2.36 2.07 -14.20
N THR A 311 3.45 1.51 -14.79
CA THR A 311 4.74 2.20 -14.94
C THR A 311 4.55 3.51 -15.69
N ALA A 312 3.81 3.49 -16.82
CA ALA A 312 3.55 4.69 -17.61
C ALA A 312 2.72 5.72 -16.86
N VAL A 313 1.88 5.29 -15.91
CA VAL A 313 1.06 6.18 -15.10
C VAL A 313 1.96 6.92 -14.13
N TYR A 314 2.86 6.18 -13.44
CA TYR A 314 3.84 6.70 -12.49
C TYR A 314 4.84 7.61 -13.17
N VAL A 315 5.25 7.28 -14.40
CA VAL A 315 6.16 8.10 -15.16
C VAL A 315 5.47 9.36 -15.65
N PHE A 316 4.17 9.28 -16.00
CA PHE A 316 3.40 10.47 -16.40
C PHE A 316 3.32 11.46 -15.21
N PHE A 317 3.19 10.93 -13.98
CA PHE A 317 3.11 11.71 -12.74
C PHE A 317 4.46 12.36 -12.44
N LEU A 318 5.54 11.59 -12.53
CA LEU A 318 6.88 12.06 -12.27
C LEU A 318 7.30 13.23 -13.26
N SER A 319 6.85 13.14 -14.52
CA SER A 319 7.11 14.14 -15.57
C SER A 319 6.30 15.43 -15.38
N SER A 320 5.13 15.34 -14.72
CA SER A 320 4.29 16.51 -14.43
C SER A 320 5.03 17.45 -13.47
N LEU A 321 5.70 16.85 -12.44
CA LEU A 321 6.48 17.53 -11.42
C LEU A 321 7.95 17.67 -11.86
N LEU A 322 8.15 18.13 -13.11
CA LEU A 322 9.44 18.33 -13.76
C LEU A 322 9.29 19.39 -14.87
N CYS A 334 15.16 17.11 -11.36
CA CYS A 334 15.96 16.36 -12.33
C CYS A 334 17.29 15.95 -11.69
N ALA A 335 18.01 16.90 -11.09
CA ALA A 335 19.28 16.62 -10.42
C ALA A 335 19.03 15.81 -9.14
N HIS A 336 17.92 16.08 -8.45
CA HIS A 336 17.59 15.34 -7.23
C HIS A 336 16.84 14.02 -7.49
N LEU A 337 16.82 13.53 -8.75
CA LEU A 337 16.16 12.27 -9.08
C LEU A 337 17.04 11.04 -8.74
N TRP A 338 18.36 11.23 -8.57
CA TRP A 338 19.25 10.14 -8.22
C TRP A 338 19.22 9.93 -6.71
N GLY A 339 19.34 11.01 -5.96
CA GLY A 339 19.31 10.99 -4.49
C GLY A 339 18.05 10.36 -3.94
N LEU A 340 16.93 10.57 -4.62
CA LEU A 340 15.64 9.99 -4.29
C LEU A 340 15.66 8.49 -4.48
N CYS A 341 16.35 8.00 -5.51
CA CYS A 341 16.46 6.59 -5.83
C CYS A 341 17.36 5.87 -4.85
N SER A 342 18.47 6.53 -4.44
CA SER A 342 19.41 5.95 -3.50
C SER A 342 18.73 5.77 -2.14
N LEU A 343 17.97 6.79 -1.71
CA LEU A 343 17.23 6.79 -0.45
C LEU A 343 16.12 5.74 -0.46
N ALA A 344 15.40 5.60 -1.58
CA ALA A 344 14.34 4.62 -1.66
C ALA A 344 14.89 3.19 -1.65
N ALA A 345 15.92 2.90 -2.48
CA ALA A 345 16.51 1.56 -2.51
C ALA A 345 17.30 1.20 -1.24
N ASP A 346 17.74 2.21 -0.49
CA ASP A 346 18.39 2.02 0.81
C ASP A 346 17.31 1.51 1.78
N GLY A 347 16.14 2.15 1.77
CA GLY A 347 15.02 1.78 2.62
C GLY A 347 14.43 0.44 2.28
N ILE A 348 14.48 0.06 0.99
CA ILE A 348 13.94 -1.22 0.55
C ILE A 348 14.77 -2.39 1.09
N TRP A 349 16.09 -2.23 1.08
CA TRP A 349 17.01 -3.27 1.53
C TRP A 349 17.22 -3.27 3.04
N ASN A 350 17.10 -2.10 3.69
CA ASN A 350 17.32 -2.01 5.13
C ASN A 350 16.06 -1.75 5.96
N GLN A 351 14.90 -2.14 5.42
CA GLN A 351 13.58 -2.04 6.06
C GLN A 351 13.35 -0.71 6.73
N LYS A 352 13.40 0.34 5.93
CA LYS A 352 13.18 1.69 6.41
C LYS A 352 12.08 2.33 5.59
N ILE A 353 10.92 2.54 6.20
CA ILE A 353 9.78 3.19 5.56
C ILE A 353 9.73 4.68 5.96
N LEU A 354 10.27 5.03 7.15
CA LEU A 354 10.38 6.39 7.66
C LEU A 354 11.84 6.78 7.63
N PHE A 355 12.13 7.91 6.99
CA PHE A 355 13.48 8.41 6.81
C PHE A 355 13.80 9.66 7.62
N GLU A 356 14.64 9.49 8.64
CA GLU A 356 15.14 10.54 9.52
C GLU A 356 15.94 11.60 8.71
N GLU A 357 16.08 12.81 9.25
CA GLU A 357 16.81 13.92 8.62
C GLU A 357 18.25 13.55 8.23
N SER A 358 18.87 12.59 8.95
CA SER A 358 20.23 12.15 8.70
C SER A 358 20.33 11.23 7.47
N ASP A 359 19.25 10.50 7.16
CA ASP A 359 19.21 9.65 5.98
C ASP A 359 19.16 10.54 4.76
N LEU A 360 18.32 11.60 4.76
CA LEU A 360 18.27 12.53 3.64
C LEU A 360 19.59 13.30 3.50
N ARG A 361 20.28 13.55 4.61
CA ARG A 361 21.57 14.21 4.60
C ARG A 361 22.59 13.31 3.91
N ASN A 362 22.57 11.99 4.22
CA ASN A 362 23.47 11.01 3.64
C ASN A 362 23.26 10.88 2.14
N HIS A 363 22.00 10.96 1.69
CA HIS A 363 21.65 10.84 0.27
C HIS A 363 21.59 12.17 -0.48
N GLY A 364 22.32 13.18 0.01
CA GLY A 364 22.42 14.49 -0.61
C GLY A 364 21.13 15.24 -0.90
N LEU A 365 20.21 15.26 0.06
CA LEU A 365 18.94 15.95 -0.07
C LEU A 365 18.93 17.18 0.86
N GLN A 366 20.05 17.96 0.83
CA GLN A 366 20.38 19.18 1.60
C GLN A 366 19.33 19.62 2.64
N ASP A 369 17.17 20.87 -0.66
CA ASP A 369 16.58 20.41 -1.91
C ASP A 369 15.21 19.82 -1.65
N VAL A 370 15.11 18.95 -0.64
CA VAL A 370 13.84 18.34 -0.27
C VAL A 370 12.87 19.34 0.40
N SER A 371 13.38 20.52 0.82
CA SER A 371 12.65 21.60 1.46
C SER A 371 11.39 22.00 0.67
N ALA A 372 11.54 22.48 -0.57
CA ALA A 372 10.40 22.86 -1.38
C ALA A 372 10.10 21.86 -2.50
N PHE A 373 11.14 21.46 -3.26
CA PHE A 373 11.01 20.57 -4.41
C PHE A 373 10.44 19.17 -4.12
N LEU A 374 11.05 18.41 -3.20
CA LEU A 374 10.61 17.06 -2.94
C LEU A 374 9.40 17.01 -2.03
N ARG A 375 9.37 17.88 -1.02
CA ARG A 375 8.23 17.93 -0.10
C ARG A 375 6.93 18.34 -0.81
N MET A 376 7.01 19.18 -1.88
CA MET A 376 5.84 19.66 -2.66
C MET A 376 4.84 18.54 -3.05
N ASN A 377 5.31 17.46 -3.70
CA ASN A 377 4.42 16.38 -4.11
C ASN A 377 5.05 14.97 -4.10
N LEU A 378 6.33 14.83 -3.73
CA LEU A 378 6.99 13.53 -3.67
C LEU A 378 7.30 13.04 -2.25
N PHE A 379 7.12 13.91 -1.24
CA PHE A 379 7.41 13.59 0.16
C PHE A 379 6.35 14.15 1.11
N GLN A 380 6.23 13.55 2.30
CA GLN A 380 5.25 13.99 3.26
C GLN A 380 5.86 14.00 4.66
N LYS A 381 5.79 15.16 5.34
CA LYS A 381 6.28 15.27 6.70
C LYS A 381 5.28 14.59 7.64
N GLU A 382 5.77 14.02 8.75
CA GLU A 382 4.89 13.32 9.70
C GLU A 382 5.22 13.59 11.17
N VAL A 383 4.22 13.40 12.06
CA VAL A 383 4.30 13.58 13.51
C VAL A 383 4.90 14.95 13.90
N LYS A 387 12.01 16.14 11.22
CA LYS A 387 12.79 15.02 11.74
C LYS A 387 12.36 13.66 11.13
N PHE A 388 11.10 13.51 10.68
CA PHE A 388 10.67 12.24 10.09
C PHE A 388 9.85 12.38 8.80
N TYR A 389 10.47 11.98 7.68
CA TYR A 389 9.81 12.08 6.37
C TYR A 389 9.74 10.73 5.70
N SER A 390 8.66 10.47 4.98
CA SER A 390 8.48 9.24 4.22
C SER A 390 7.96 9.57 2.79
N PHE A 391 8.06 8.63 1.83
CA PHE A 391 7.49 8.85 0.47
C PHE A 391 5.95 8.96 0.51
N ILE A 392 5.33 9.64 -0.50
CA ILE A 392 3.87 9.81 -0.61
C ILE A 392 3.12 8.48 -0.51
N HIS A 393 3.78 7.40 -0.91
CA HIS A 393 3.25 6.05 -0.81
C HIS A 393 4.40 5.09 -0.96
N MET A 394 4.22 3.87 -0.47
CA MET A 394 5.25 2.85 -0.59
C MET A 394 5.37 2.36 -2.05
N THR A 395 4.30 2.48 -2.89
CA THR A 395 4.40 2.18 -4.34
C THR A 395 5.40 3.16 -5.00
N PHE A 396 5.39 4.41 -4.54
CA PHE A 396 6.32 5.41 -5.00
C PHE A 396 7.73 5.12 -4.50
N GLN A 397 7.88 4.52 -3.30
CA GLN A 397 9.20 4.16 -2.80
C GLN A 397 9.74 3.05 -3.67
N GLU A 398 8.91 2.00 -3.92
CA GLU A 398 9.27 0.86 -4.76
C GLU A 398 9.58 1.30 -6.21
N PHE A 399 9.01 2.43 -6.66
CA PHE A 399 9.26 3.00 -7.98
C PHE A 399 10.68 3.54 -8.05
N PHE A 400 11.08 4.38 -7.08
CA PHE A 400 12.43 4.92 -7.06
C PHE A 400 13.47 3.83 -6.75
N ALA A 401 13.08 2.80 -5.98
CA ALA A 401 13.91 1.66 -5.68
C ALA A 401 14.25 0.92 -7.00
N ALA A 402 13.26 0.75 -7.91
CA ALA A 402 13.48 0.10 -9.21
C ALA A 402 14.28 1.01 -10.13
N MET A 403 13.90 2.30 -10.21
CA MET A 403 14.60 3.27 -11.05
C MET A 403 16.08 3.37 -10.74
N TYR A 404 16.43 3.18 -9.45
CA TYR A 404 17.80 3.20 -8.94
C TYR A 404 18.68 2.21 -9.71
N TYR A 405 18.11 1.04 -10.00
CA TYR A 405 18.80 -0.02 -10.73
C TYR A 405 19.10 0.29 -12.19
N LEU A 406 18.29 1.17 -12.80
CA LEU A 406 18.36 1.50 -14.22
C LEU A 406 18.93 2.88 -14.53
N LEU A 407 19.77 3.44 -13.65
CA LEU A 407 20.31 4.78 -13.89
C LEU A 407 21.80 4.82 -14.30
N GLU A 408 22.13 5.66 -15.30
CA GLU A 408 23.51 5.87 -15.74
C GLU A 408 24.21 6.70 -14.65
N GLU A 409 25.43 6.33 -14.24
CA GLU A 409 26.13 7.03 -13.14
C GLU A 409 27.25 7.93 -13.63
N SER A 426 23.30 2.31 -9.19
CA SER A 426 22.76 1.03 -9.62
C SER A 426 23.47 -0.16 -8.96
N ARG A 427 22.69 -1.13 -8.43
CA ARG A 427 23.23 -2.35 -7.80
C ARG A 427 22.88 -3.62 -8.64
N ASP A 428 23.19 -4.82 -8.11
CA ASP A 428 22.92 -6.08 -8.80
C ASP A 428 21.44 -6.46 -8.71
N VAL A 429 20.80 -6.65 -9.86
CA VAL A 429 19.38 -7.00 -9.94
C VAL A 429 19.11 -8.42 -9.43
N THR A 430 20.08 -9.33 -9.59
CA THR A 430 19.99 -10.72 -9.17
C THR A 430 19.82 -10.90 -7.66
N VAL A 431 20.43 -10.02 -6.87
CA VAL A 431 20.31 -10.03 -5.42
C VAL A 431 18.86 -9.72 -5.02
N LEU A 432 18.21 -8.79 -5.73
CA LEU A 432 16.82 -8.47 -5.40
C LEU A 432 15.91 -9.65 -5.56
N LEU A 433 15.97 -10.32 -6.72
CA LEU A 433 15.15 -11.47 -7.05
C LEU A 433 15.32 -12.64 -6.08
N GLU A 434 16.48 -12.71 -5.41
CA GLU A 434 16.76 -13.72 -4.39
C GLU A 434 15.81 -13.54 -3.21
N ASN A 435 15.42 -12.29 -2.87
CA ASN A 435 14.49 -12.08 -1.75
C ASN A 435 13.17 -11.44 -2.22
N TYR A 436 12.51 -12.09 -3.18
CA TYR A 436 11.21 -11.65 -3.69
C TYR A 436 10.14 -12.49 -3.01
N GLY A 437 9.09 -11.85 -2.53
CA GLY A 437 8.01 -12.54 -1.84
C GLY A 437 8.30 -12.79 -0.37
N LYS A 438 9.49 -12.40 0.10
CA LYS A 438 9.91 -12.57 1.48
C LYS A 438 9.36 -11.38 2.26
N PHE A 439 8.59 -11.65 3.34
CA PHE A 439 7.98 -10.59 4.18
C PHE A 439 9.01 -9.61 4.73
N GLU A 440 10.18 -10.15 5.11
CA GLU A 440 11.32 -9.44 5.67
C GLU A 440 11.74 -8.26 4.77
N LYS A 441 12.06 -8.55 3.48
CA LYS A 441 12.46 -7.55 2.49
C LYS A 441 11.29 -6.61 2.11
N GLY A 442 10.06 -7.11 2.17
CA GLY A 442 8.89 -6.29 1.88
C GLY A 442 8.12 -6.69 0.65
N TYR A 443 8.25 -7.97 0.27
CA TYR A 443 7.60 -8.58 -0.87
C TYR A 443 8.26 -8.17 -2.19
N LEU A 444 8.63 -6.89 -2.36
CA LEU A 444 9.30 -6.38 -3.57
C LEU A 444 8.44 -6.52 -4.84
N ILE A 445 7.11 -6.54 -4.66
CA ILE A 445 6.13 -6.69 -5.72
C ILE A 445 6.23 -5.53 -6.70
N PHE A 446 6.25 -4.29 -6.21
CA PHE A 446 6.32 -3.12 -7.08
C PHE A 446 7.72 -2.80 -7.57
N VAL A 447 8.80 -3.24 -6.88
CA VAL A 447 10.15 -3.00 -7.38
C VAL A 447 10.32 -3.81 -8.66
N VAL A 448 9.94 -5.10 -8.62
CA VAL A 448 10.09 -5.96 -9.76
C VAL A 448 9.15 -5.58 -10.89
N ARG A 449 7.86 -5.42 -10.52
CA ARG A 449 6.79 -5.06 -11.45
C ARG A 449 7.07 -3.73 -12.13
N PHE A 450 7.73 -2.78 -11.43
CA PHE A 450 8.04 -1.49 -12.03
C PHE A 450 9.18 -1.58 -12.97
N LEU A 451 10.25 -2.32 -12.61
CA LEU A 451 11.41 -2.38 -13.49
C LEU A 451 11.16 -3.30 -14.73
N PHE A 452 10.07 -4.08 -14.75
CA PHE A 452 9.67 -4.82 -15.95
C PHE A 452 9.17 -3.78 -16.97
N GLY A 453 8.39 -2.80 -16.52
CA GLY A 453 7.88 -1.74 -17.37
C GLY A 453 8.88 -0.67 -17.69
N LEU A 454 9.80 -0.38 -16.74
CA LEU A 454 10.80 0.64 -16.95
C LEU A 454 11.83 0.13 -17.95
N VAL A 455 12.26 -1.13 -17.80
CA VAL A 455 13.24 -1.77 -18.69
C VAL A 455 12.78 -1.76 -20.17
N ASN A 456 11.45 -1.68 -20.40
CA ASN A 456 10.79 -1.63 -21.70
C ASN A 456 11.51 -0.70 -22.67
N GLN A 457 12.03 -1.29 -23.75
CA GLN A 457 12.75 -0.58 -24.83
C GLN A 457 11.81 0.33 -25.62
N GLU A 458 10.54 -0.09 -25.75
CA GLU A 458 9.51 0.67 -26.44
C GLU A 458 9.24 1.93 -25.61
N ARG A 459 9.22 1.77 -24.28
CA ARG A 459 8.93 2.88 -23.34
C ARG A 459 9.95 4.01 -23.50
N SER A 461 10.51 8.46 -22.43
CA SER A 461 10.00 9.65 -21.71
C SER A 461 11.17 10.63 -21.54
N TYR A 462 10.92 11.80 -20.95
CA TYR A 462 12.05 12.71 -20.70
C TYR A 462 13.06 11.95 -19.80
N LEU A 463 12.53 11.12 -18.83
CA LEU A 463 13.27 10.26 -17.89
C LEU A 463 14.07 9.14 -18.61
N GLU A 464 13.65 8.73 -19.83
CA GLU A 464 14.36 7.71 -20.63
C GLU A 464 15.83 8.12 -20.90
N LYS A 465 16.10 9.44 -21.16
CA LYS A 465 17.44 9.97 -21.40
C LYS A 465 18.37 9.70 -20.18
N LYS A 466 17.84 9.85 -18.93
CA LYS A 466 18.54 9.62 -17.64
C LYS A 466 18.77 8.12 -17.39
N LEU A 467 17.79 7.27 -17.76
CA LEU A 467 17.87 5.81 -17.67
C LEU A 467 18.97 5.29 -18.59
N SER A 468 19.74 4.30 -18.13
CA SER A 468 20.84 3.75 -18.92
C SER A 468 20.37 2.77 -19.96
N CYS A 469 20.44 3.21 -21.23
CA CYS A 469 20.10 2.50 -22.46
C CYS A 469 20.82 1.14 -22.49
N LYS A 470 22.09 1.12 -22.05
CA LYS A 470 22.91 -0.10 -21.94
C LYS A 470 22.47 -1.04 -20.78
N ILE A 471 22.48 -0.58 -19.49
CA ILE A 471 22.12 -1.44 -18.33
C ILE A 471 20.65 -1.87 -18.33
N SER A 472 19.80 -1.26 -19.17
CA SER A 472 18.42 -1.68 -19.33
C SER A 472 18.40 -3.07 -20.01
N GLN A 473 19.30 -3.28 -20.99
CA GLN A 473 19.37 -4.58 -21.67
C GLN A 473 19.98 -5.67 -20.80
N GLN A 474 20.88 -5.31 -19.88
CA GLN A 474 21.48 -6.30 -18.97
C GLN A 474 20.40 -6.81 -18.02
N ILE A 475 19.56 -5.91 -17.49
CA ILE A 475 18.48 -6.28 -16.59
C ILE A 475 17.38 -7.02 -17.32
N ARG A 476 17.04 -6.57 -18.53
CA ARG A 476 16.03 -7.17 -19.40
C ARG A 476 16.29 -8.66 -19.64
N LEU A 477 17.56 -9.06 -19.73
CA LEU A 477 17.91 -10.46 -19.92
C LEU A 477 17.83 -11.25 -18.63
N GLU A 478 18.19 -10.62 -17.49
CA GLU A 478 18.12 -11.26 -16.17
C GLU A 478 16.69 -11.51 -15.74
N LEU A 479 15.75 -10.64 -16.16
CA LEU A 479 14.31 -10.75 -15.86
C LEU A 479 13.67 -11.93 -16.56
N LEU A 480 14.12 -12.19 -17.78
CA LEU A 480 13.62 -13.30 -18.56
C LEU A 480 14.08 -14.63 -17.94
N LYS A 481 15.33 -14.69 -17.42
CA LYS A 481 15.84 -15.89 -16.76
C LYS A 481 15.09 -16.18 -15.49
N TRP A 482 14.68 -15.12 -14.75
CA TRP A 482 13.92 -15.18 -13.50
C TRP A 482 12.51 -15.65 -13.77
N ILE A 483 11.81 -15.02 -14.73
CA ILE A 483 10.45 -15.42 -15.09
C ILE A 483 10.41 -16.88 -15.58
N GLU A 484 11.51 -17.37 -16.17
CA GLU A 484 11.66 -18.74 -16.65
C GLU A 484 11.78 -19.73 -15.48
N VAL A 485 12.41 -19.30 -14.40
CA VAL A 485 12.59 -20.11 -13.21
C VAL A 485 11.28 -20.15 -12.45
N LYS A 486 10.69 -18.99 -12.12
CA LYS A 486 9.44 -18.94 -11.38
C LYS A 486 8.31 -19.64 -12.12
N ALA A 487 8.23 -19.49 -13.45
CA ALA A 487 7.20 -20.11 -14.30
C ALA A 487 7.12 -21.62 -14.15
N LYS A 488 8.29 -22.28 -14.03
CA LYS A 488 8.38 -23.74 -13.98
C LYS A 488 9.34 -24.23 -12.91
N ALA A 489 8.96 -24.01 -11.65
CA ALA A 489 9.73 -24.46 -10.51
C ALA A 489 8.84 -24.77 -9.31
N LYS A 490 9.34 -25.69 -8.41
CA LYS A 490 8.69 -26.01 -7.14
C LYS A 490 8.70 -24.72 -6.31
N LYS A 491 7.51 -24.25 -5.90
CA LYS A 491 7.37 -22.99 -5.18
C LYS A 491 8.25 -22.90 -3.89
N LEU A 492 9.27 -22.01 -3.94
CA LEU A 492 10.14 -21.69 -2.80
C LEU A 492 9.38 -20.71 -1.87
N GLN A 493 8.48 -19.86 -2.45
CA GLN A 493 7.59 -18.88 -1.82
C GLN A 493 6.22 -18.89 -2.54
N ILE A 494 5.21 -18.24 -1.98
CA ILE A 494 3.89 -18.16 -2.61
C ILE A 494 4.06 -17.25 -3.85
N GLN A 495 4.70 -16.08 -3.65
CA GLN A 495 4.97 -15.10 -4.72
C GLN A 495 6.24 -15.44 -5.52
N PRO A 496 6.25 -15.16 -6.83
CA PRO A 496 5.16 -14.56 -7.62
C PRO A 496 4.11 -15.57 -8.03
N SER A 497 2.82 -15.24 -7.82
CA SER A 497 1.74 -16.09 -8.29
C SER A 497 1.71 -15.98 -9.81
N GLN A 498 1.02 -16.89 -10.51
CA GLN A 498 0.92 -16.80 -11.96
C GLN A 498 0.29 -15.46 -12.41
N LEU A 499 -0.69 -14.96 -11.64
CA LEU A 499 -1.33 -13.66 -11.91
C LEU A 499 -0.33 -12.55 -11.71
N GLU A 500 0.49 -12.60 -10.64
CA GLU A 500 1.51 -11.58 -10.42
C GLU A 500 2.51 -11.54 -11.56
N LEU A 501 2.87 -12.70 -12.11
CA LEU A 501 3.76 -12.76 -13.27
C LEU A 501 3.10 -12.14 -14.49
N PHE A 502 1.76 -12.26 -14.62
CA PHE A 502 0.99 -11.65 -15.69
C PHE A 502 0.97 -10.13 -15.53
N TYR A 503 0.95 -9.63 -14.29
CA TYR A 503 1.02 -8.19 -14.04
C TYR A 503 2.38 -7.67 -14.43
N CYS A 504 3.45 -8.43 -14.12
CA CYS A 504 4.83 -8.15 -14.48
C CYS A 504 4.94 -8.05 -16.01
N LEU A 505 4.45 -9.09 -16.71
CA LEU A 505 4.47 -9.18 -18.16
C LEU A 505 3.61 -8.12 -18.81
N TYR A 506 2.55 -7.66 -18.15
CA TYR A 506 1.71 -6.59 -18.69
C TYR A 506 2.52 -5.26 -18.75
N GLU A 507 3.38 -5.01 -17.73
CA GLU A 507 4.25 -3.84 -17.63
C GLU A 507 5.26 -3.80 -18.76
N MET A 508 5.85 -4.94 -19.04
CA MET A 508 6.76 -5.09 -20.18
C MET A 508 5.78 -5.32 -21.32
N GLN A 509 5.58 -4.40 -22.28
CA GLN A 509 4.55 -4.70 -23.28
C GLN A 509 5.12 -5.38 -24.52
N GLU A 510 6.46 -5.34 -24.71
CA GLU A 510 7.19 -5.93 -25.83
C GLU A 510 6.76 -7.38 -26.05
N GLU A 511 6.06 -7.60 -27.14
CA GLU A 511 5.53 -8.91 -27.52
C GLU A 511 6.63 -9.94 -27.73
N ASP A 512 7.81 -9.54 -28.22
CA ASP A 512 8.90 -10.49 -28.38
C ASP A 512 9.41 -11.01 -27.01
N PHE A 513 9.34 -10.17 -25.97
CA PHE A 513 9.72 -10.59 -24.62
C PHE A 513 8.57 -11.43 -24.05
N VAL A 514 7.33 -10.92 -24.08
CA VAL A 514 6.12 -11.57 -23.53
C VAL A 514 5.83 -12.92 -24.19
N GLN A 515 6.10 -13.07 -25.49
CA GLN A 515 5.91 -14.36 -26.15
C GLN A 515 6.92 -15.37 -25.61
N ARG A 516 8.22 -15.01 -25.62
CA ARG A 516 9.28 -15.86 -25.07
C ARG A 516 9.02 -16.24 -23.61
N ALA A 517 8.46 -15.32 -22.82
CA ALA A 517 8.15 -15.59 -21.42
C ALA A 517 6.94 -16.51 -21.25
N MET A 518 5.94 -16.40 -22.14
CA MET A 518 4.75 -17.24 -22.05
C MET A 518 5.02 -18.71 -22.39
N ASP A 519 6.16 -19.00 -23.05
CA ASP A 519 6.52 -20.38 -23.37
C ASP A 519 6.98 -21.18 -22.15
N TYR A 520 7.44 -20.48 -21.11
CA TYR A 520 7.90 -21.14 -19.90
C TYR A 520 6.75 -21.68 -19.04
N PHE A 521 5.48 -21.29 -19.33
CA PHE A 521 4.32 -21.72 -18.52
C PHE A 521 3.79 -23.08 -18.91
N PRO A 522 3.83 -24.05 -17.95
CA PRO A 522 3.34 -25.40 -18.25
C PRO A 522 1.80 -25.45 -18.29
N LYS A 523 1.18 -24.76 -17.32
CA LYS A 523 -0.25 -24.64 -17.19
C LYS A 523 -0.58 -23.18 -16.93
N ILE A 524 -1.75 -22.72 -17.42
CA ILE A 524 -2.17 -21.35 -17.15
C ILE A 524 -3.31 -21.35 -16.10
N GLU A 525 -3.14 -20.59 -15.02
CA GLU A 525 -4.08 -20.52 -13.91
C GLU A 525 -4.88 -19.22 -13.84
N ILE A 526 -6.16 -19.35 -14.17
CA ILE A 526 -7.07 -18.23 -14.12
C ILE A 526 -7.56 -18.06 -12.69
N ASN A 527 -7.17 -16.96 -12.06
CA ASN A 527 -7.64 -16.65 -10.72
C ASN A 527 -8.04 -15.18 -10.77
N LEU A 528 -9.11 -14.90 -11.51
CA LEU A 528 -9.53 -13.53 -11.73
C LEU A 528 -10.45 -13.01 -10.68
N SER A 529 -10.08 -11.86 -10.13
CA SER A 529 -10.86 -11.20 -9.10
C SER A 529 -11.45 -9.88 -9.61
N THR A 530 -10.63 -9.03 -10.22
CA THR A 530 -11.09 -7.73 -10.71
C THR A 530 -11.04 -7.62 -12.23
N ARG A 531 -11.67 -6.58 -12.82
CA ARG A 531 -11.57 -6.33 -14.25
C ARG A 531 -10.19 -5.86 -14.67
N MET A 532 -9.30 -5.54 -13.71
CA MET A 532 -7.91 -5.23 -13.92
C MET A 532 -7.17 -6.58 -14.14
N ASP A 533 -7.51 -7.63 -13.36
CA ASP A 533 -6.99 -8.97 -13.52
C ASP A 533 -7.39 -9.51 -14.89
N HIS A 534 -8.60 -9.20 -15.37
CA HIS A 534 -9.04 -9.65 -16.68
C HIS A 534 -8.20 -9.02 -17.77
N MET A 535 -7.86 -7.73 -17.63
CA MET A 535 -7.10 -6.95 -18.59
C MET A 535 -5.69 -7.46 -18.83
N VAL A 536 -4.96 -7.65 -17.73
CA VAL A 536 -3.59 -8.07 -17.62
C VAL A 536 -3.42 -9.49 -18.14
N SER A 537 -4.27 -10.42 -17.66
CA SER A 537 -4.22 -11.83 -18.03
C SER A 537 -4.64 -12.09 -19.47
N SER A 538 -5.69 -11.41 -19.98
CA SER A 538 -6.07 -11.58 -21.38
C SER A 538 -4.94 -11.13 -22.30
N PHE A 539 -4.19 -10.09 -21.90
CA PHE A 539 -3.06 -9.60 -22.68
C PHE A 539 -2.00 -10.70 -22.82
N CYS A 540 -1.65 -11.38 -21.70
CA CYS A 540 -0.63 -12.42 -21.69
C CYS A 540 -1.07 -13.66 -22.44
N ILE A 541 -2.31 -14.10 -22.21
CA ILE A 541 -2.87 -15.28 -22.87
C ILE A 541 -2.87 -15.12 -24.39
N GLU A 542 -3.19 -13.91 -24.86
CA GLU A 542 -3.15 -13.63 -26.29
C GLU A 542 -1.76 -13.79 -26.87
N ASN A 543 -0.71 -13.62 -26.05
CA ASN A 543 0.68 -13.69 -26.47
C ASN A 543 1.33 -15.07 -26.33
N CYS A 544 0.55 -16.15 -26.33
CA CYS A 544 1.13 -17.49 -26.28
C CYS A 544 0.51 -18.44 -27.27
N HIS A 545 0.01 -17.92 -28.40
CA HIS A 545 -0.61 -18.77 -29.40
C HIS A 545 0.25 -19.99 -29.81
N ARG A 546 1.56 -19.77 -30.02
CA ARG A 546 2.50 -20.81 -30.45
C ARG A 546 2.04 -21.55 -31.72
N VAL A 547 1.42 -20.84 -32.68
CA VAL A 547 0.90 -21.32 -34.00
C VAL A 547 0.18 -22.72 -33.96
#